data_4NHJ
#
_entry.id   4NHJ
#
_cell.length_a   159.935
_cell.length_b   33.313
_cell.length_c   72.779
_cell.angle_alpha   90.00
_cell.angle_beta   90.00
_cell.angle_gamma   90.00
#
_symmetry.space_group_name_H-M   'P 21 21 2'
#
loop_
_entity.id
_entity.type
_entity.pdbx_description
1 polymer 'DNA-binding transcriptional regulator RstA'
2 polymer "5'-D(*GP*GP*TP*TP*GP*TP*AP*CP*AP*TP*TP*CP*CP*GP*TP*TP*AP*CP*TP*CP*CP*CP*T)-3'"
3 polymer "5'-D(*CP*AP*GP*GP*GP*AP*GP*TP*AP*AP*CP*GP*GP*AP*AP*TP*GP*TP*AP*CP*AP*AP*C)-3'"
4 water water
#
loop_
_entity_poly.entity_id
_entity_poly.type
_entity_poly.pdbx_seq_one_letter_code
_entity_poly.pdbx_strand_id
1 'polypeptide(L)'
;MHHHHHHAMGTLTPHKTISFGSLTIDPVNRQVMLGGENVALSTADFDMLWELATHAGQIMDRDALLKNLRGVTYDGMDRS
VDVAISRLRKKLLDNATEPYRIKTVRNKGYLFAPHAWDN
;
A,B
2 'polydeoxyribonucleotide'
;(DG)(DG)(DT)(DT)(DG)(DT)(DA)(DC)(DA)(DT)(DT)(DC)(DC)(DG)(DT)(DT)(DA)(DC)(DT)(DC)
(DC)(DC)(DT)
;
C
3 'polydeoxyribonucleotide'
;(DC)(DA)(DG)(DG)(DG)(DA)(DG)(DT)(DA)(DA)(DC)(DG)(DG)(DA)(DA)(DT)(DG)(DT)(DA)(DC)
(DA)(DA)(DC)
;
D
#
# COMPACT_ATOMS: atom_id res chain seq x y z
N PRO A 14 -15.28 -13.90 27.39
CA PRO A 14 -15.82 -15.07 26.70
C PRO A 14 -16.21 -14.77 25.26
N HIS A 15 -16.04 -13.52 24.85
CA HIS A 15 -16.31 -13.13 23.47
C HIS A 15 -15.06 -13.28 22.62
N LYS A 16 -15.20 -13.95 21.49
CA LYS A 16 -14.07 -14.12 20.59
C LYS A 16 -14.03 -13.01 19.56
N THR A 17 -12.91 -12.30 19.53
CA THR A 17 -12.75 -11.10 18.71
C THR A 17 -11.48 -11.16 17.89
N ILE A 18 -11.20 -10.07 17.17
CA ILE A 18 -9.89 -9.84 16.57
C ILE A 18 -9.42 -8.45 16.98
N SER A 19 -8.12 -8.30 17.19
CA SER A 19 -7.62 -7.03 17.71
C SER A 19 -6.34 -6.55 17.04
N PHE A 20 -6.27 -5.24 16.84
CA PHE A 20 -5.08 -4.62 16.26
C PHE A 20 -4.77 -3.33 17.04
N GLY A 21 -3.94 -3.45 18.07
CA GLY A 21 -3.64 -2.32 18.93
C GLY A 21 -4.87 -1.83 19.68
N SER A 22 -5.15 -0.53 19.58
CA SER A 22 -6.28 0.07 20.27
C SER A 22 -7.60 -0.31 19.62
N LEU A 23 -7.52 -0.79 18.37
CA LEU A 23 -8.71 -1.20 17.64
C LEU A 23 -9.13 -2.59 18.10
N THR A 24 -10.44 -2.80 18.21
CA THR A 24 -10.98 -4.10 18.59
C THR A 24 -12.29 -4.37 17.88
N ILE A 25 -12.37 -5.51 17.22
CA ILE A 25 -13.55 -5.87 16.44
C ILE A 25 -14.24 -7.10 17.01
N ASP A 26 -15.44 -6.90 17.54
CA ASP A 26 -16.20 -7.94 18.23
C ASP A 26 -17.37 -8.38 17.37
N PRO A 27 -17.20 -9.50 16.63
CA PRO A 27 -18.24 -9.96 15.70
C PRO A 27 -19.46 -10.56 16.39
N VAL A 28 -19.40 -10.72 17.71
CA VAL A 28 -20.54 -11.26 18.44
C VAL A 28 -21.74 -10.33 18.33
N ASN A 29 -21.57 -9.10 18.81
CA ASN A 29 -22.62 -8.09 18.73
C ASN A 29 -22.30 -7.03 17.68
N ARG A 30 -21.33 -7.34 16.83
CA ARG A 30 -20.90 -6.48 15.73
C ARG A 30 -20.53 -5.07 16.23
N GLN A 31 -19.91 -5.00 17.40
CA GLN A 31 -19.50 -3.72 17.96
C GLN A 31 -18.00 -3.53 17.87
N VAL A 32 -17.58 -2.48 17.17
CA VAL A 32 -16.17 -2.15 17.07
C VAL A 32 -15.83 -1.08 18.11
N MET A 33 -14.64 -1.18 18.68
CA MET A 33 -14.15 -0.17 19.62
C MET A 33 -12.75 0.29 19.22
N LEU A 34 -12.46 1.56 19.49
CA LEU A 34 -11.13 2.11 19.20
C LEU A 34 -10.56 2.72 20.47
N GLY A 35 -9.80 1.92 21.21
CA GLY A 35 -9.28 2.35 22.49
C GLY A 35 -9.90 1.55 23.62
N GLY A 36 -10.92 2.11 24.26
CA GLY A 36 -11.44 3.41 23.88
C GLY A 36 -12.94 3.43 24.01
N GLU A 37 -13.62 3.68 22.90
CA GLU A 37 -15.07 3.71 22.91
C GLU A 37 -15.68 3.13 21.65
N ASN A 38 -16.95 2.74 21.76
CA ASN A 38 -17.67 2.12 20.66
C ASN A 38 -17.74 3.01 19.44
N VAL A 39 -17.42 2.43 18.29
CA VAL A 39 -17.53 3.11 17.03
C VAL A 39 -18.78 2.59 16.33
N ALA A 40 -19.63 3.52 15.89
CA ALA A 40 -20.86 3.14 15.24
C ALA A 40 -20.66 2.88 13.75
N LEU A 41 -21.00 1.68 13.32
CA LEU A 41 -20.99 1.33 11.91
C LEU A 41 -22.35 0.77 11.55
N SER A 42 -22.79 0.98 10.32
CA SER A 42 -24.01 0.35 9.84
C SER A 42 -23.72 -1.14 9.66
N THR A 43 -24.73 -1.89 9.23
CA THR A 43 -24.53 -3.32 9.03
C THR A 43 -23.57 -3.59 7.87
N ALA A 44 -23.89 -3.03 6.69
CA ALA A 44 -23.06 -3.23 5.50
C ALA A 44 -21.63 -2.74 5.68
N ASP A 45 -21.41 -1.81 6.59
CA ASP A 45 -20.09 -1.24 6.80
C ASP A 45 -19.25 -2.06 7.77
N PHE A 46 -19.87 -2.59 8.81
CA PHE A 46 -19.18 -3.50 9.71
C PHE A 46 -18.76 -4.72 8.92
N ASP A 47 -19.66 -5.15 8.03
CA ASP A 47 -19.38 -6.29 7.15
C ASP A 47 -18.10 -6.07 6.34
N MET A 48 -18.01 -4.94 5.65
CA MET A 48 -16.82 -4.64 4.86
C MET A 48 -15.56 -4.53 5.73
N LEU A 49 -15.68 -3.86 6.88
CA LEU A 49 -14.56 -3.79 7.80
C LEU A 49 -14.14 -5.19 8.24
N TRP A 50 -15.12 -6.06 8.44
CA TRP A 50 -14.86 -7.43 8.88
C TRP A 50 -14.08 -8.20 7.81
N GLU A 51 -14.49 -8.04 6.56
CA GLU A 51 -13.82 -8.68 5.45
C GLU A 51 -12.35 -8.26 5.38
N LEU A 52 -12.11 -6.95 5.46
CA LEU A 52 -10.77 -6.42 5.38
C LEU A 52 -9.91 -6.93 6.52
N ALA A 53 -10.42 -6.76 7.73
CA ALA A 53 -9.65 -7.05 8.93
C ALA A 53 -9.32 -8.53 9.10
N THR A 54 -10.18 -9.41 8.58
CA THR A 54 -9.89 -10.85 8.65
C THR A 54 -8.95 -11.29 7.54
N HIS A 55 -8.60 -10.35 6.65
CA HIS A 55 -7.57 -10.57 5.64
C HIS A 55 -6.57 -9.43 5.73
N ALA A 56 -6.14 -9.12 6.95
CA ALA A 56 -5.20 -8.03 7.17
C ALA A 56 -3.88 -8.32 6.46
N GLY A 57 -3.18 -7.27 6.07
CA GLY A 57 -1.90 -7.41 5.37
C GLY A 57 -2.06 -8.01 3.99
N GLN A 58 -3.31 -8.12 3.55
CA GLN A 58 -3.65 -8.79 2.30
C GLN A 58 -4.58 -7.88 1.49
N ILE A 59 -4.20 -7.61 0.25
CA ILE A 59 -4.97 -6.71 -0.61
C ILE A 59 -6.27 -7.34 -1.05
N MET A 60 -7.38 -6.67 -0.71
CA MET A 60 -8.70 -7.11 -1.11
C MET A 60 -9.16 -6.29 -2.31
N ASP A 61 -9.41 -6.95 -3.43
CA ASP A 61 -9.81 -6.23 -4.63
C ASP A 61 -11.30 -5.91 -4.59
N ARG A 62 -11.73 -5.03 -5.48
CA ARG A 62 -13.12 -4.55 -5.49
C ARG A 62 -14.16 -5.65 -5.72
N ASP A 63 -13.78 -6.66 -6.51
CA ASP A 63 -14.67 -7.80 -6.75
C ASP A 63 -14.83 -8.59 -5.46
N ALA A 64 -13.71 -8.86 -4.80
CA ALA A 64 -13.71 -9.59 -3.55
C ALA A 64 -14.60 -8.91 -2.50
N LEU A 65 -14.46 -7.59 -2.41
CA LEU A 65 -15.26 -6.78 -1.50
C LEU A 65 -16.73 -6.77 -1.87
N LEU A 66 -17.04 -6.41 -3.11
CA LEU A 66 -18.42 -6.32 -3.56
C LEU A 66 -19.16 -7.65 -3.43
N LYS A 67 -18.43 -8.75 -3.61
CA LYS A 67 -19.01 -10.08 -3.39
C LYS A 67 -19.45 -10.28 -1.94
N ASN A 68 -19.09 -9.34 -1.07
CA ASN A 68 -19.52 -9.38 0.32
C ASN A 68 -20.37 -8.17 0.69
N LEU A 69 -19.90 -6.98 0.34
CA LEU A 69 -20.61 -5.73 0.61
C LEU A 69 -22.07 -5.79 0.15
N ARG A 70 -22.28 -6.25 -1.08
CA ARG A 70 -23.64 -6.38 -1.61
C ARG A 70 -23.84 -7.71 -2.34
N GLY A 71 -22.83 -8.55 -2.31
CA GLY A 71 -22.89 -9.86 -2.95
C GLY A 71 -23.03 -9.80 -4.46
N VAL A 72 -22.37 -8.84 -5.09
CA VAL A 72 -22.41 -8.71 -6.55
C VAL A 72 -21.01 -8.78 -7.14
N THR A 73 -20.93 -8.72 -8.47
CA THR A 73 -19.65 -8.70 -9.16
C THR A 73 -19.28 -7.27 -9.59
N TYR A 74 -18.03 -6.91 -9.37
CA TYR A 74 -17.56 -5.56 -9.69
C TYR A 74 -17.69 -5.29 -11.19
N ASP A 75 -18.71 -4.53 -11.56
CA ASP A 75 -18.97 -4.25 -12.97
C ASP A 75 -18.23 -3.02 -13.46
N GLY A 76 -18.36 -1.93 -12.72
CA GLY A 76 -17.90 -0.63 -13.20
C GLY A 76 -16.47 -0.27 -12.90
N MET A 77 -16.20 0.99 -12.50
CA MET A 77 -17.16 2.10 -12.35
C MET A 77 -18.17 2.02 -11.19
N ASP A 78 -18.18 0.90 -10.46
CA ASP A 78 -19.00 0.78 -9.27
C ASP A 78 -18.21 1.37 -8.09
N ARG A 79 -18.80 2.33 -7.40
CA ARG A 79 -18.04 3.12 -6.44
C ARG A 79 -18.47 2.92 -5.00
N SER A 80 -19.45 2.03 -4.78
CA SER A 80 -20.01 1.78 -3.47
C SER A 80 -18.97 1.38 -2.42
N VAL A 81 -17.87 0.79 -2.86
CA VAL A 81 -16.82 0.36 -1.93
C VAL A 81 -16.01 1.55 -1.48
N ASP A 82 -15.73 2.46 -2.41
CA ASP A 82 -14.84 3.58 -2.15
C ASP A 82 -15.39 4.52 -1.08
N VAL A 83 -16.65 4.92 -1.25
CA VAL A 83 -17.36 5.72 -0.27
C VAL A 83 -17.44 4.98 1.05
N ALA A 84 -17.69 3.68 0.97
CA ALA A 84 -17.68 2.82 2.15
C ALA A 84 -16.33 2.85 2.82
N ILE A 85 -15.27 2.79 2.02
CA ILE A 85 -13.91 2.90 2.55
C ILE A 85 -13.71 4.28 3.21
N SER A 86 -14.34 5.28 2.64
CA SER A 86 -14.24 6.64 3.18
C SER A 86 -14.93 6.76 4.53
N ARG A 87 -16.05 6.08 4.72
CA ARG A 87 -16.72 6.10 6.02
C ARG A 87 -15.86 5.45 7.09
N LEU A 88 -15.29 4.29 6.76
CA LEU A 88 -14.46 3.56 7.70
C LEU A 88 -13.29 4.43 8.14
N ARG A 89 -12.56 4.97 7.16
CA ARG A 89 -11.46 5.89 7.42
C ARG A 89 -11.90 7.05 8.30
N LYS A 90 -13.09 7.58 8.03
CA LYS A 90 -13.64 8.66 8.83
C LYS A 90 -13.94 8.14 10.23
N LYS A 91 -14.54 6.95 10.30
CA LYS A 91 -15.00 6.42 11.57
C LYS A 91 -13.83 5.91 12.39
N LEU A 92 -12.74 5.55 11.74
CA LEU A 92 -11.58 5.00 12.44
C LEU A 92 -10.52 6.08 12.69
N LEU A 93 -10.91 7.34 12.48
CA LEU A 93 -10.02 8.48 12.70
C LEU A 93 -8.73 8.30 11.91
N ASP A 94 -8.89 7.95 10.64
CA ASP A 94 -7.78 7.78 9.73
C ASP A 94 -7.83 8.90 8.70
N ASN A 95 -6.68 9.30 8.19
CA ASN A 95 -6.62 10.34 7.18
C ASN A 95 -6.32 9.75 5.80
N ALA A 96 -7.18 10.03 4.82
CA ALA A 96 -7.05 9.42 3.50
C ALA A 96 -5.70 9.64 2.82
N THR A 97 -5.20 10.87 2.86
CA THR A 97 -3.93 11.21 2.20
C THR A 97 -2.74 10.59 2.92
N GLU A 98 -2.87 10.37 4.22
CA GLU A 98 -1.81 9.75 4.99
C GLU A 98 -2.37 8.61 5.86
N PRO A 99 -2.93 7.58 5.21
CA PRO A 99 -3.70 6.56 5.92
C PRO A 99 -2.81 5.58 6.68
N TYR A 100 -3.13 5.35 7.95
CA TYR A 100 -2.35 4.45 8.78
C TYR A 100 -2.88 3.02 8.69
N ARG A 101 -4.19 2.86 8.82
CA ARG A 101 -4.75 1.54 8.99
C ARG A 101 -5.34 0.94 7.71
N ILE A 102 -5.85 1.79 6.81
CA ILE A 102 -6.46 1.31 5.58
C ILE A 102 -5.81 1.95 4.35
N LYS A 103 -5.05 1.16 3.60
CA LYS A 103 -4.28 1.66 2.46
C LYS A 103 -4.96 1.44 1.11
N THR A 104 -4.89 2.46 0.26
CA THR A 104 -5.38 2.35 -1.11
C THR A 104 -4.24 1.90 -2.05
N VAL A 105 -4.51 0.85 -2.80
CA VAL A 105 -3.54 0.35 -3.76
C VAL A 105 -4.13 0.50 -5.16
N ARG A 106 -3.56 1.39 -5.95
CA ARG A 106 -4.09 1.72 -7.27
C ARG A 106 -4.36 0.50 -8.13
N ASN A 107 -5.55 0.48 -8.70
CA ASN A 107 -5.98 -0.58 -9.61
C ASN A 107 -6.17 -1.95 -8.97
N LYS A 108 -5.72 -2.10 -7.73
CA LYS A 108 -5.82 -3.38 -7.04
C LYS A 108 -7.04 -3.42 -6.15
N GLY A 109 -7.04 -2.60 -5.10
CA GLY A 109 -8.15 -2.54 -4.18
C GLY A 109 -7.80 -1.79 -2.92
N TYR A 110 -8.19 -2.33 -1.77
CA TYR A 110 -7.84 -1.73 -0.48
C TYR A 110 -7.23 -2.76 0.46
N LEU A 111 -6.62 -2.26 1.52
CA LEU A 111 -5.77 -3.08 2.37
C LEU A 111 -5.86 -2.62 3.81
N PHE A 112 -6.13 -3.58 4.71
CA PHE A 112 -6.09 -3.31 6.13
C PHE A 112 -4.67 -3.54 6.65
N ALA A 113 -4.07 -2.51 7.21
CA ALA A 113 -2.72 -2.61 7.73
C ALA A 113 -2.74 -2.96 9.22
N PRO A 114 -2.32 -4.18 9.57
CA PRO A 114 -2.28 -4.68 10.95
C PRO A 114 -1.45 -3.81 11.90
N HIS A 115 -0.55 -3.00 11.34
CA HIS A 115 0.21 -2.06 12.14
C HIS A 115 0.24 -0.69 11.47
N HIS B 15 9.06 -9.04 10.62
CA HIS B 15 9.43 -10.33 10.06
C HIS B 15 9.79 -10.23 8.58
N LYS B 16 8.90 -9.63 7.80
CA LYS B 16 9.12 -9.49 6.36
C LYS B 16 9.76 -8.14 6.02
N THR B 17 9.71 -7.22 6.97
CA THR B 17 10.28 -5.89 6.79
C THR B 17 11.76 -5.95 6.41
N ILE B 18 12.10 -5.27 5.31
CA ILE B 18 13.47 -5.27 4.80
C ILE B 18 14.09 -3.88 4.88
N SER B 19 15.15 -3.75 5.67
CA SER B 19 15.74 -2.45 5.94
C SER B 19 17.12 -2.26 5.31
N PHE B 20 17.48 -0.99 5.12
CA PHE B 20 18.79 -0.61 4.60
C PHE B 20 19.20 0.70 5.25
N GLY B 21 20.34 0.69 5.96
CA GLY B 21 20.81 1.88 6.65
C GLY B 21 19.79 2.38 7.65
N SER B 22 19.09 3.45 7.31
CA SER B 22 18.03 3.99 8.16
C SER B 22 16.68 3.82 7.48
N LEU B 23 16.70 3.18 6.30
CA LEU B 23 15.53 3.08 5.44
C LEU B 23 14.81 1.73 5.62
N THR B 24 13.56 1.79 6.06
CA THR B 24 12.78 0.57 6.30
C THR B 24 11.61 0.45 5.33
N ILE B 25 11.49 -0.71 4.66
CA ILE B 25 10.40 -0.93 3.72
C ILE B 25 9.53 -2.13 4.12
N ASP B 26 8.31 -1.84 4.54
CA ASP B 26 7.42 -2.85 5.11
C ASP B 26 6.28 -3.18 4.15
N PRO B 27 6.36 -4.36 3.50
CA PRO B 27 5.36 -4.80 2.53
C PRO B 27 4.04 -5.25 3.16
N VAL B 28 4.00 -5.43 4.48
CA VAL B 28 2.77 -5.87 5.13
C VAL B 28 1.80 -4.72 5.30
N ASN B 29 2.32 -3.58 5.70
CA ASN B 29 1.52 -2.37 5.85
C ASN B 29 1.72 -1.40 4.69
N ARG B 30 2.57 -1.79 3.74
CA ARG B 30 2.94 -0.94 2.60
C ARG B 30 3.41 0.42 3.10
N GLN B 31 4.39 0.39 4.00
CA GLN B 31 4.84 1.59 4.69
C GLN B 31 6.36 1.66 4.68
N VAL B 32 6.88 2.86 4.47
CA VAL B 32 8.32 3.07 4.41
C VAL B 32 8.76 4.23 5.32
N MET B 33 9.85 4.03 6.06
CA MET B 33 10.37 5.05 6.96
C MET B 33 11.84 5.36 6.68
N LEU B 34 12.17 6.64 6.66
CA LEU B 34 13.54 7.07 6.39
C LEU B 34 14.19 7.67 7.64
N GLY B 35 14.70 6.79 8.51
CA GLY B 35 15.35 7.21 9.74
C GLY B 35 14.41 7.97 10.65
N GLY B 36 13.54 7.23 11.33
CA GLY B 36 12.56 7.83 12.21
C GLY B 36 11.36 8.36 11.44
N GLU B 37 11.60 9.34 10.58
CA GLU B 37 10.54 9.96 9.79
C GLU B 37 9.83 8.97 8.86
N ASN B 38 8.52 9.14 8.73
CA ASN B 38 7.71 8.27 7.88
C ASN B 38 7.41 8.93 6.54
N VAL B 39 7.97 8.38 5.48
CA VAL B 39 7.84 8.97 4.15
C VAL B 39 6.61 8.48 3.39
N ALA B 40 5.78 9.44 2.97
CA ALA B 40 4.54 9.15 2.25
C ALA B 40 4.81 8.79 0.78
N LEU B 41 4.55 7.54 0.43
CA LEU B 41 4.74 7.09 -0.95
C LEU B 41 3.44 6.66 -1.60
N SER B 42 3.24 7.08 -2.84
CA SER B 42 2.11 6.61 -3.62
C SER B 42 2.30 5.13 -3.97
N THR B 43 1.29 4.56 -4.61
CA THR B 43 1.29 3.15 -4.97
C THR B 43 2.44 2.78 -5.91
N ALA B 44 2.66 3.63 -6.91
CA ALA B 44 3.75 3.40 -7.87
C ALA B 44 5.11 3.62 -7.21
N ASP B 45 5.21 4.66 -6.39
CA ASP B 45 6.44 4.96 -5.67
C ASP B 45 6.86 3.75 -4.86
N PHE B 46 5.89 3.06 -4.27
CA PHE B 46 6.18 1.94 -3.40
C PHE B 46 6.50 0.68 -4.20
N ASP B 47 5.67 0.40 -5.19
CA ASP B 47 5.84 -0.82 -5.97
C ASP B 47 7.14 -0.78 -6.77
N MET B 48 7.58 0.42 -7.11
CA MET B 48 8.84 0.62 -7.83
C MET B 48 10.03 0.49 -6.89
N LEU B 49 9.95 1.13 -5.73
CA LEU B 49 11.02 1.04 -4.75
C LEU B 49 11.16 -0.39 -4.24
N TRP B 50 10.03 -1.08 -4.10
CA TRP B 50 10.04 -2.45 -3.60
C TRP B 50 10.80 -3.34 -4.57
N GLU B 51 10.52 -3.17 -5.86
CA GLU B 51 11.21 -3.91 -6.90
C GLU B 51 12.72 -3.75 -6.79
N LEU B 52 13.18 -2.50 -6.85
CA LEU B 52 14.61 -2.18 -6.79
C LEU B 52 15.28 -2.80 -5.57
N ALA B 53 14.68 -2.58 -4.41
CA ALA B 53 15.24 -3.05 -3.15
C ALA B 53 15.34 -4.57 -3.10
N THR B 54 14.40 -5.24 -3.76
CA THR B 54 14.41 -6.69 -3.83
C THR B 54 15.68 -7.14 -4.53
N HIS B 55 15.97 -6.50 -5.65
CA HIS B 55 17.19 -6.77 -6.39
C HIS B 55 18.21 -5.68 -6.10
N ALA B 56 18.52 -5.49 -4.83
CA ALA B 56 19.46 -4.48 -4.38
C ALA B 56 20.85 -4.69 -5.00
N GLY B 57 21.41 -3.62 -5.54
CA GLY B 57 22.72 -3.70 -6.17
C GLY B 57 22.66 -4.31 -7.55
N GLN B 58 21.49 -4.81 -7.93
CA GLN B 58 21.31 -5.39 -9.26
C GLN B 58 20.71 -4.38 -10.22
N ILE B 59 21.35 -4.21 -11.37
CA ILE B 59 20.85 -3.29 -12.39
C ILE B 59 19.55 -3.80 -12.97
N MET B 60 18.46 -3.08 -12.69
CA MET B 60 17.15 -3.41 -13.26
C MET B 60 16.97 -2.66 -14.57
N ASP B 61 16.82 -3.41 -15.66
CA ASP B 61 16.73 -2.78 -16.98
C ASP B 61 15.28 -2.39 -17.27
N ARG B 62 15.12 -1.38 -18.12
CA ARG B 62 13.81 -0.78 -18.39
C ARG B 62 12.70 -1.76 -18.74
N ASP B 63 12.99 -2.70 -19.63
CA ASP B 63 11.99 -3.70 -20.00
C ASP B 63 11.59 -4.51 -18.78
N ALA B 64 12.57 -4.91 -17.98
CA ALA B 64 12.31 -5.70 -16.77
C ALA B 64 11.39 -4.97 -15.78
N LEU B 65 11.54 -3.65 -15.69
CA LEU B 65 10.73 -2.84 -14.79
C LEU B 65 9.26 -2.80 -15.22
N LEU B 66 9.03 -2.50 -16.49
CA LEU B 66 7.68 -2.42 -17.02
C LEU B 66 6.92 -3.73 -16.90
N LYS B 67 7.59 -4.84 -17.17
CA LYS B 67 7.00 -6.16 -17.02
C LYS B 67 6.48 -6.38 -15.62
N ASN B 68 7.38 -6.30 -14.64
CA ASN B 68 7.03 -6.54 -13.25
C ASN B 68 6.03 -5.54 -12.67
N LEU B 69 5.94 -4.35 -13.27
CA LEU B 69 5.18 -3.27 -12.65
C LEU B 69 3.88 -2.85 -13.35
N ARG B 70 3.68 -3.27 -14.60
CA ARG B 70 2.50 -2.79 -15.33
C ARG B 70 1.43 -3.82 -15.75
N GLY B 71 1.77 -4.84 -16.56
CA GLY B 71 3.08 -5.06 -17.13
C GLY B 71 2.98 -5.01 -18.64
N VAL B 72 3.78 -4.14 -19.26
CA VAL B 72 3.73 -3.97 -20.71
C VAL B 72 5.10 -4.16 -21.33
N THR B 73 5.16 -4.11 -22.65
CA THR B 73 6.42 -4.29 -23.37
C THR B 73 7.15 -2.97 -23.61
N TYR B 74 8.45 -2.95 -23.31
CA TYR B 74 9.27 -1.79 -23.62
C TYR B 74 9.41 -1.66 -25.13
N ASP B 75 8.88 -0.59 -25.70
CA ASP B 75 8.86 -0.42 -27.15
C ASP B 75 10.10 0.33 -27.66
N GLY B 76 11.17 0.29 -26.87
CA GLY B 76 12.40 0.97 -27.23
C GLY B 76 12.34 2.48 -27.03
N MET B 77 11.13 3.00 -26.80
CA MET B 77 10.92 4.44 -26.64
C MET B 77 9.83 4.73 -25.63
N ASP B 78 10.16 4.61 -24.35
CA ASP B 78 9.20 4.78 -23.28
C ASP B 78 9.94 5.41 -22.10
N ARG B 79 9.42 6.52 -21.59
CA ARG B 79 10.15 7.28 -20.57
C ARG B 79 9.48 7.29 -19.20
N SER B 80 8.37 6.54 -19.10
CA SER B 80 7.60 6.44 -17.87
C SER B 80 8.42 5.92 -16.70
N VAL B 81 9.31 4.98 -16.98
CA VAL B 81 10.18 4.45 -15.94
C VAL B 81 11.10 5.55 -15.46
N ASP B 82 11.59 6.34 -16.41
CA ASP B 82 12.48 7.45 -16.09
C ASP B 82 11.74 8.46 -15.23
N VAL B 83 10.54 8.84 -15.68
CA VAL B 83 9.69 9.73 -14.90
C VAL B 83 9.37 9.17 -13.51
N ALA B 84 9.04 7.88 -13.46
CA ALA B 84 8.76 7.24 -12.18
C ALA B 84 9.95 7.35 -11.24
N ILE B 85 11.14 7.15 -11.80
CA ILE B 85 12.39 7.19 -11.05
C ILE B 85 12.62 8.57 -10.42
N SER B 86 12.46 9.61 -11.24
CA SER B 86 12.59 10.98 -10.74
C SER B 86 11.62 11.29 -9.59
N ARG B 87 10.35 10.95 -9.77
CA ARG B 87 9.35 11.17 -8.71
C ARG B 87 9.74 10.42 -7.44
N LEU B 88 10.34 9.25 -7.59
CA LEU B 88 10.82 8.49 -6.44
C LEU B 88 12.03 9.18 -5.83
N ARG B 89 12.98 9.55 -6.68
CA ARG B 89 14.21 10.21 -6.23
C ARG B 89 13.94 11.46 -5.39
N LYS B 90 12.91 12.22 -5.75
CA LYS B 90 12.53 13.42 -5.00
C LYS B 90 11.95 13.08 -3.62
N LYS B 91 11.07 12.08 -3.56
CA LYS B 91 10.40 11.72 -2.31
C LYS B 91 11.34 11.00 -1.33
N LEU B 92 12.40 10.40 -1.87
CA LEU B 92 13.36 9.70 -1.01
C LEU B 92 14.45 10.63 -0.53
N LEU B 93 14.38 11.89 -0.96
CA LEU B 93 15.44 12.86 -0.71
C LEU B 93 16.76 12.32 -1.23
N ASP B 94 16.89 12.27 -2.55
CA ASP B 94 18.08 11.75 -3.19
C ASP B 94 18.35 12.53 -4.46
N ASN B 95 19.37 13.39 -4.40
CA ASN B 95 19.69 14.24 -5.53
C ASN B 95 20.16 13.45 -6.74
N ALA B 96 19.47 13.62 -7.87
CA ALA B 96 19.75 12.84 -9.08
C ALA B 96 21.09 13.21 -9.72
N THR B 97 21.57 14.42 -9.44
CA THR B 97 22.86 14.88 -9.94
C THR B 97 23.98 13.95 -9.46
N GLU B 98 23.88 13.55 -8.19
CA GLU B 98 24.79 12.55 -7.64
C GLU B 98 24.08 11.69 -6.60
N PRO B 99 23.34 10.67 -7.08
CA PRO B 99 22.45 9.86 -6.25
C PRO B 99 23.19 8.93 -5.28
N TYR B 100 22.70 8.89 -4.04
CA TYR B 100 23.21 7.96 -3.03
C TYR B 100 22.40 6.66 -3.03
N ARG B 101 21.09 6.79 -3.18
CA ARG B 101 20.19 5.64 -3.09
C ARG B 101 19.97 4.94 -4.42
N ILE B 102 19.50 5.67 -5.42
CA ILE B 102 19.12 5.08 -6.70
C ILE B 102 19.98 5.58 -7.84
N LYS B 103 20.86 4.71 -8.33
CA LYS B 103 21.80 5.10 -9.37
C LYS B 103 21.26 4.84 -10.77
N THR B 104 21.70 5.66 -11.71
CA THR B 104 21.42 5.45 -13.12
C THR B 104 22.64 4.78 -13.72
N VAL B 105 22.41 3.83 -14.62
CA VAL B 105 23.50 3.17 -15.33
C VAL B 105 23.26 3.27 -16.82
N ARG B 106 24.02 4.14 -17.48
CA ARG B 106 23.81 4.46 -18.89
C ARG B 106 23.64 3.25 -19.81
N ASN B 107 22.46 3.18 -20.44
CA ASN B 107 22.11 2.14 -21.41
C ASN B 107 21.83 0.77 -20.80
N LYS B 108 21.74 0.71 -19.47
CA LYS B 108 21.43 -0.53 -18.79
C LYS B 108 20.09 -0.42 -18.06
N GLY B 109 19.99 0.55 -17.15
CA GLY B 109 18.79 0.77 -16.38
C GLY B 109 19.08 1.50 -15.09
N TYR B 110 18.43 1.09 -14.01
CA TYR B 110 18.63 1.71 -12.71
C TYR B 110 19.01 0.69 -11.66
N LEU B 111 19.66 1.15 -10.59
CA LEU B 111 20.22 0.27 -9.59
C LEU B 111 19.96 0.81 -8.18
N PHE B 112 19.47 -0.06 -7.30
CA PHE B 112 19.28 0.32 -5.91
C PHE B 112 20.59 0.12 -5.14
N ALA B 113 21.04 1.17 -4.46
CA ALA B 113 22.29 1.11 -3.72
C ALA B 113 22.09 0.86 -2.24
N PRO B 114 22.51 -0.34 -1.77
CA PRO B 114 22.43 -0.67 -0.34
C PRO B 114 23.48 0.10 0.45
N HIS B 115 24.65 0.30 -0.14
CA HIS B 115 25.72 1.10 0.44
C HIS B 115 26.82 1.39 -0.58
#